data_4VHB
#
_entry.id   4VHB
#
_cell.length_a   62.620
_cell.length_b   40.380
_cell.length_c   62.780
_cell.angle_alpha   90.00
_cell.angle_beta   105.93
_cell.angle_gamma   90.00
#
_symmetry.space_group_name_H-M   'P 1 21 1'
#
loop_
_entity.id
_entity.type
_entity.pdbx_description
1 polymer 'PROTEIN (HEMOGLOBIN)'
2 non-polymer 'THIOCYANATE ION'
3 non-polymer 'PROTOPORPHYRIN IX CONTAINING FE'
4 water water
#
_entity_poly.entity_id   1
_entity_poly.type   'polypeptide(L)'
_entity_poly.pdbx_seq_one_letter_code
;MLDQQTINIIKATVPVLKEHGVTITTTFYKNLFAKHPEVRPLFDMGRQESLEQPKALAMTVLAAAQNIENLPAILPAVKK
IAVKHCQAGVAAAHYPIVGQELLGAIKEVLGDAATDDILDAWGKAYGVIADVFIQVEADLYAQAVE
;
_entity_poly.pdbx_strand_id   A,B
#
loop_
_chem_comp.id
_chem_comp.type
_chem_comp.name
_chem_comp.formula
HEM non-polymer 'PROTOPORPHYRIN IX CONTAINING FE' 'C34 H32 Fe N4 O4'
SCN non-polymer 'THIOCYANATE ION' 'C N S -1'
#
# COMPACT_ATOMS: atom_id res chain seq x y z
N MET A 1 2.47 10.02 -6.52
CA MET A 1 2.83 9.73 -5.13
C MET A 1 4.34 9.79 -5.09
N LEU A 2 4.98 8.63 -5.05
CA LEU A 2 6.44 8.62 -5.14
C LEU A 2 6.69 8.60 -6.65
N ASP A 3 7.56 9.51 -7.08
CA ASP A 3 7.94 9.55 -8.47
C ASP A 3 9.03 8.52 -8.83
N GLN A 4 9.30 8.31 -10.12
CA GLN A 4 10.32 7.33 -10.53
C GLN A 4 11.74 7.71 -10.13
N GLN A 5 12.15 8.96 -10.29
CA GLN A 5 13.53 9.25 -9.88
C GLN A 5 13.86 8.87 -8.44
N THR A 6 12.80 9.00 -7.64
CA THR A 6 12.84 8.75 -6.21
C THR A 6 12.89 7.24 -6.07
N ILE A 7 11.96 6.54 -6.70
CA ILE A 7 12.01 5.08 -6.58
C ILE A 7 13.36 4.57 -7.07
N ASN A 8 13.81 5.21 -8.15
CA ASN A 8 15.09 4.86 -8.71
C ASN A 8 16.19 5.10 -7.69
N ILE A 9 16.22 6.27 -7.06
CA ILE A 9 17.29 6.47 -6.10
C ILE A 9 17.23 5.41 -4.99
N ILE A 10 16.01 5.12 -4.57
CA ILE A 10 15.89 4.21 -3.44
C ILE A 10 16.47 2.85 -3.84
N LYS A 11 15.98 2.31 -4.96
CA LYS A 11 16.33 0.97 -5.44
C LYS A 11 17.85 0.84 -5.63
N ALA A 12 18.44 1.87 -6.21
CA ALA A 12 19.87 1.92 -6.42
C ALA A 12 20.71 2.04 -5.20
N THR A 13 20.28 2.87 -4.24
CA THR A 13 21.12 3.12 -3.06
C THR A 13 20.93 2.19 -1.82
N VAL A 14 19.77 1.55 -1.70
CA VAL A 14 19.54 0.71 -0.53
C VAL A 14 20.69 -0.28 -0.34
N PRO A 15 21.13 -0.92 -1.44
CA PRO A 15 22.19 -1.91 -1.28
C PRO A 15 23.43 -1.27 -0.66
N VAL A 16 23.70 -0.01 -0.99
CA VAL A 16 24.83 0.65 -0.36
C VAL A 16 24.53 0.88 1.14
N LEU A 17 23.35 1.37 1.49
CA LEU A 17 23.05 1.56 2.91
C LEU A 17 23.13 0.19 3.68
N LYS A 18 22.58 -0.89 3.09
CA LYS A 18 22.63 -2.19 3.78
C LYS A 18 24.06 -2.63 4.02
N GLU A 19 24.96 -2.35 3.07
CA GLU A 19 26.34 -2.70 3.33
C GLU A 19 26.85 -1.98 4.55
N HIS A 20 26.44 -0.73 4.75
CA HIS A 20 26.90 -0.01 5.94
C HIS A 20 25.97 -0.16 7.12
N GLY A 21 25.09 -1.15 7.05
CA GLY A 21 24.11 -1.37 8.11
C GLY A 21 24.54 -1.12 9.57
N VAL A 22 25.64 -1.74 9.99
CA VAL A 22 26.03 -1.69 11.37
C VAL A 22 26.21 -0.23 11.78
N THR A 23 26.71 0.53 10.83
CA THR A 23 26.97 1.92 11.14
C THR A 23 25.69 2.74 11.22
N ILE A 24 24.80 2.56 10.27
CA ILE A 24 23.55 3.30 10.33
C ILE A 24 22.76 2.93 11.58
N THR A 25 22.60 1.64 11.88
CA THR A 25 21.84 1.21 13.06
C THR A 25 22.36 1.81 14.35
N THR A 26 23.68 1.75 14.58
CA THR A 26 24.30 2.23 15.85
C THR A 26 24.27 3.77 15.96
N THR A 27 24.46 4.45 14.84
CA THR A 27 24.37 5.90 14.85
C THR A 27 22.92 6.29 15.06
N PHE A 28 22.03 5.59 14.38
CA PHE A 28 20.64 5.88 14.60
C PHE A 28 20.19 5.80 16.06
N TYR A 29 20.44 4.69 16.76
CA TYR A 29 19.91 4.53 18.11
C TYR A 29 20.61 5.46 19.05
N LYS A 30 21.89 5.61 18.80
CA LYS A 30 22.63 6.52 19.68
C LYS A 30 22.00 7.92 19.57
N ASN A 31 21.84 8.41 18.36
CA ASN A 31 21.29 9.73 18.25
C ASN A 31 19.86 9.80 18.75
N LEU A 32 19.08 8.77 18.47
CA LEU A 32 17.70 8.84 18.85
C LEU A 32 17.60 9.07 20.36
N PHE A 33 18.32 8.23 21.12
CA PHE A 33 18.19 8.29 22.57
C PHE A 33 18.82 9.50 23.23
N ALA A 34 19.88 10.00 22.61
CA ALA A 34 20.58 11.14 23.14
C ALA A 34 19.77 12.39 22.85
N LYS A 35 19.28 12.58 21.63
CA LYS A 35 18.42 13.71 21.26
C LYS A 35 16.96 13.71 21.75
N HIS A 36 16.37 12.55 22.01
CA HIS A 36 14.96 12.47 22.41
C HIS A 36 14.78 11.59 23.59
N PRO A 37 15.34 11.97 24.71
CA PRO A 37 15.26 11.16 25.93
C PRO A 37 13.80 10.82 26.28
N GLU A 38 12.84 11.64 25.84
CA GLU A 38 11.47 11.32 26.18
C GLU A 38 10.99 9.96 25.69
N VAL A 39 11.64 9.36 24.69
CA VAL A 39 11.11 8.09 24.17
C VAL A 39 11.77 6.90 24.82
N ARG A 40 12.86 7.16 25.54
CA ARG A 40 13.54 6.07 26.20
C ARG A 40 12.74 4.99 26.94
N PRO A 41 11.85 5.45 27.79
CA PRO A 41 11.01 4.56 28.58
C PRO A 41 10.21 3.56 27.75
N LEU A 42 9.84 3.94 26.53
CA LEU A 42 8.92 3.12 25.73
C LEU A 42 9.67 1.86 25.41
N PHE A 43 10.98 2.00 25.39
CA PHE A 43 11.77 0.81 25.13
C PHE A 43 12.16 0.25 26.50
N GLU A 52 21.29 -6.19 25.71
CA GLU A 52 19.84 -5.98 25.58
C GLU A 52 19.16 -4.66 25.14
N GLN A 53 19.51 -4.26 23.94
CA GLN A 53 19.22 -2.98 23.29
C GLN A 53 18.47 -3.18 21.96
N PRO A 54 17.59 -2.27 21.52
CA PRO A 54 16.87 -2.54 20.26
C PRO A 54 17.88 -2.40 19.13
N LYS A 55 17.66 -3.10 18.00
CA LYS A 55 18.57 -3.06 16.83
C LYS A 55 17.89 -3.12 15.48
N ALA A 56 16.59 -3.42 15.47
CA ALA A 56 15.95 -3.72 14.19
C ALA A 56 15.34 -2.64 13.30
N LEU A 57 15.24 -1.42 13.84
CA LEU A 57 14.69 -0.27 13.11
C LEU A 57 15.18 0.04 11.73
N ALA A 58 16.43 0.47 11.69
CA ALA A 58 16.99 0.92 10.42
C ALA A 58 17.02 -0.17 9.36
N MET A 59 17.35 -1.39 9.77
CA MET A 59 17.41 -2.49 8.82
C MET A 59 16.02 -2.84 8.36
N THR A 60 15.02 -2.69 9.23
CA THR A 60 13.65 -2.95 8.75
C THR A 60 13.15 -1.91 7.73
N VAL A 61 13.50 -0.65 7.96
CA VAL A 61 13.16 0.41 7.03
C VAL A 61 13.85 0.15 5.70
N LEU A 62 15.10 -0.30 5.75
CA LEU A 62 15.78 -0.59 4.48
C LEU A 62 15.09 -1.73 3.70
N ALA A 63 14.61 -2.71 4.47
CA ALA A 63 13.99 -3.85 3.87
C ALA A 63 12.68 -3.44 3.20
N ALA A 64 11.94 -2.57 3.88
CA ALA A 64 10.66 -2.12 3.36
C ALA A 64 10.99 -1.33 2.10
N ALA A 65 12.04 -0.52 2.18
CA ALA A 65 12.41 0.39 1.08
C ALA A 65 12.76 -0.38 -0.13
N GLN A 66 13.38 -1.52 0.13
CA GLN A 66 13.71 -2.44 -0.92
C GLN A 66 12.42 -2.95 -1.60
N ASN A 67 11.34 -3.01 -0.82
CA ASN A 67 10.03 -3.44 -1.30
C ASN A 67 9.11 -2.29 -1.61
N ILE A 68 9.75 -1.18 -1.95
CA ILE A 68 9.05 0.07 -2.07
C ILE A 68 7.93 0.08 -3.08
N GLU A 69 8.04 -0.76 -4.10
CA GLU A 69 7.02 -0.79 -5.16
C GLU A 69 5.91 -1.80 -4.89
N ASN A 70 6.08 -2.59 -3.85
CA ASN A 70 5.03 -3.55 -3.55
C ASN A 70 5.02 -3.73 -2.01
N LEU A 71 4.65 -2.64 -1.34
CA LEU A 71 4.56 -2.68 0.11
C LEU A 71 3.63 -3.73 0.70
N PRO A 72 2.57 -4.06 -0.03
CA PRO A 72 1.75 -5.12 0.48
C PRO A 72 2.49 -6.43 0.72
N ALA A 73 3.59 -6.67 -0.01
CA ALA A 73 4.37 -7.90 0.19
C ALA A 73 4.92 -8.01 1.62
N ILE A 74 5.18 -6.89 2.28
CA ILE A 74 5.67 -6.98 3.64
C ILE A 74 4.60 -6.83 4.73
N LEU A 75 3.30 -6.84 4.39
CA LEU A 75 2.29 -6.75 5.45
C LEU A 75 2.32 -7.74 6.55
N PRO A 76 2.71 -9.00 6.31
CA PRO A 76 2.69 -9.93 7.42
C PRO A 76 3.66 -9.46 8.50
N ALA A 77 4.77 -8.86 8.08
CA ALA A 77 5.74 -8.37 9.05
C ALA A 77 5.21 -7.07 9.68
N VAL A 78 4.75 -6.15 8.83
CA VAL A 78 4.22 -4.87 9.33
C VAL A 78 3.15 -5.10 10.36
N LYS A 79 2.25 -6.04 10.09
CA LYS A 79 1.18 -6.32 11.03
C LYS A 79 1.65 -6.70 12.40
N LYS A 80 2.69 -7.53 12.45
CA LYS A 80 3.20 -8.02 13.71
C LYS A 80 4.02 -6.94 14.50
N ILE A 81 4.72 -6.10 13.74
CA ILE A 81 5.47 -4.99 14.33
C ILE A 81 4.42 -3.98 14.91
N ALA A 82 3.32 -3.79 14.17
CA ALA A 82 2.19 -2.92 14.61
C ALA A 82 1.66 -3.29 15.99
N VAL A 83 1.51 -4.59 16.18
CA VAL A 83 1.06 -5.12 17.43
C VAL A 83 2.01 -4.73 18.56
N LYS A 84 3.32 -4.88 18.34
CA LYS A 84 4.28 -4.48 19.39
C LYS A 84 4.30 -2.97 19.57
N HIS A 85 4.10 -2.19 18.51
CA HIS A 85 4.16 -0.76 18.61
C HIS A 85 2.95 -0.29 19.43
N CYS A 86 1.77 -0.83 19.12
CA CYS A 86 0.56 -0.42 19.90
C CYS A 86 0.65 -0.88 21.33
N GLN A 87 1.25 -2.05 21.56
CA GLN A 87 1.48 -2.46 22.94
C GLN A 87 2.41 -1.51 23.72
N ALA A 88 3.42 -0.98 23.03
CA ALA A 88 4.45 -0.10 23.64
C ALA A 88 3.99 1.34 23.82
N GLY A 89 2.96 1.78 23.08
CA GLY A 89 2.52 3.18 23.18
C GLY A 89 3.08 4.11 22.12
N VAL A 90 3.43 3.53 20.97
CA VAL A 90 3.94 4.32 19.83
C VAL A 90 2.85 5.21 19.18
N ALA A 91 3.20 6.47 18.96
CA ALA A 91 2.24 7.43 18.43
C ALA A 91 2.68 7.94 17.06
N ALA A 92 1.71 8.38 16.28
CA ALA A 92 1.95 8.95 14.95
C ALA A 92 2.97 10.04 15.01
N ALA A 93 2.93 10.86 16.05
CA ALA A 93 3.85 11.97 16.12
C ALA A 93 5.25 11.47 16.39
N HIS A 94 5.41 10.21 16.84
CA HIS A 94 6.79 9.72 17.03
C HIS A 94 7.50 9.52 15.65
N TYR A 95 6.74 9.20 14.60
CA TYR A 95 7.34 8.88 13.31
C TYR A 95 8.32 9.89 12.73
N PRO A 96 7.96 11.16 12.80
CA PRO A 96 8.83 12.17 12.22
C PRO A 96 10.13 12.24 13.01
N ILE A 97 10.06 11.98 14.31
CA ILE A 97 11.34 12.01 14.96
C ILE A 97 12.26 10.83 14.62
N VAL A 98 11.71 9.62 14.53
CA VAL A 98 12.53 8.49 14.11
C VAL A 98 13.07 8.77 12.70
N GLY A 99 12.24 9.33 11.83
CA GLY A 99 12.68 9.69 10.48
C GLY A 99 13.83 10.64 10.49
N GLN A 100 13.82 11.63 11.37
CA GLN A 100 14.88 12.63 11.36
C GLN A 100 16.21 11.99 11.73
N GLU A 101 16.18 11.14 12.75
CA GLU A 101 17.41 10.53 13.18
C GLU A 101 17.88 9.46 12.18
N LEU A 102 16.98 8.72 11.54
CA LEU A 102 17.40 7.76 10.49
C LEU A 102 18.11 8.51 9.33
N LEU A 103 17.47 9.57 8.86
CA LEU A 103 18.06 10.44 7.83
C LEU A 103 19.43 10.99 8.22
N GLY A 104 19.61 11.46 9.44
CA GLY A 104 20.95 11.97 9.78
C GLY A 104 22.03 10.86 9.73
N ALA A 105 21.65 9.65 10.13
CA ALA A 105 22.54 8.51 10.04
C ALA A 105 22.90 8.19 8.56
N ILE A 106 21.89 8.10 7.68
CA ILE A 106 22.05 7.83 6.25
C ILE A 106 23.03 8.83 5.66
N LYS A 107 22.83 10.07 6.08
CA LYS A 107 23.70 11.16 5.67
C LYS A 107 25.13 10.92 6.11
N GLU A 108 25.34 10.54 7.38
CA GLU A 108 26.72 10.26 7.80
C GLU A 108 27.37 9.17 6.93
N VAL A 109 26.72 8.04 6.80
CA VAL A 109 27.36 7.05 5.96
C VAL A 109 27.49 7.44 4.52
N LEU A 110 26.53 8.14 3.94
CA LEU A 110 26.73 8.28 2.52
C LEU A 110 27.91 9.19 2.30
N GLY A 111 28.26 9.94 3.34
CA GLY A 111 29.39 10.85 3.24
C GLY A 111 29.27 11.75 2.01
N ASP A 112 30.31 11.81 1.17
CA ASP A 112 30.31 12.61 -0.05
C ASP A 112 29.26 12.23 -1.09
N ALA A 113 28.63 11.09 -0.92
CA ALA A 113 27.65 10.61 -1.89
C ALA A 113 26.27 11.10 -1.44
N ALA A 114 26.25 11.61 -0.22
CA ALA A 114 25.02 12.11 0.38
C ALA A 114 24.43 13.35 -0.34
N THR A 115 24.00 13.19 -1.58
CA THR A 115 23.47 14.35 -2.25
C THR A 115 22.13 14.78 -1.69
N ASP A 116 21.76 16.00 -2.02
CA ASP A 116 20.50 16.52 -1.55
C ASP A 116 19.35 15.75 -2.18
N ASP A 117 19.47 15.38 -3.45
CA ASP A 117 18.36 14.61 -4.03
C ASP A 117 18.24 13.23 -3.43
N ILE A 118 19.38 12.69 -3.05
CA ILE A 118 19.39 11.36 -2.46
C ILE A 118 18.77 11.40 -1.06
N LEU A 119 19.19 12.38 -0.27
CA LEU A 119 18.63 12.53 1.06
C LEU A 119 17.13 12.79 0.98
N ASP A 120 16.74 13.56 -0.03
CA ASP A 120 15.32 13.89 -0.23
C ASP A 120 14.49 12.70 -0.61
N ALA A 121 15.07 11.84 -1.44
CA ALA A 121 14.31 10.67 -1.85
C ALA A 121 14.15 9.76 -0.61
N TRP A 122 15.19 9.67 0.22
CA TRP A 122 15.07 8.81 1.40
C TRP A 122 14.05 9.36 2.37
N GLY A 123 14.04 10.69 2.43
CA GLY A 123 13.03 11.31 3.30
C GLY A 123 11.64 10.87 2.80
N LYS A 124 11.46 10.95 1.49
CA LYS A 124 10.12 10.63 0.96
C LYS A 124 9.78 9.21 1.17
N ALA A 125 10.79 8.35 1.01
CA ALA A 125 10.49 6.94 1.15
C ALA A 125 10.11 6.64 2.60
N TYR A 126 10.87 7.22 3.53
CA TYR A 126 10.62 6.89 4.94
C TYR A 126 9.15 7.28 5.21
N GLY A 127 8.79 8.45 4.70
CA GLY A 127 7.42 8.97 4.84
C GLY A 127 6.38 7.95 4.43
N VAL A 128 6.55 7.45 3.21
CA VAL A 128 5.60 6.45 2.70
C VAL A 128 5.55 5.21 3.56
N ILE A 129 6.74 4.80 3.97
CA ILE A 129 6.80 3.61 4.79
C ILE A 129 6.08 3.89 6.14
N ALA A 130 6.46 4.98 6.78
CA ALA A 130 5.88 5.26 8.07
C ALA A 130 4.34 5.36 7.96
N ASP A 131 3.86 5.95 6.86
CA ASP A 131 2.38 6.12 6.75
C ASP A 131 1.67 4.81 6.83
N VAL A 132 2.30 3.74 6.34
CA VAL A 132 1.67 2.40 6.39
C VAL A 132 1.56 1.99 7.85
N PHE A 133 2.65 2.08 8.60
CA PHE A 133 2.59 1.67 9.98
C PHE A 133 1.59 2.52 10.81
N ILE A 134 1.68 3.84 10.59
CA ILE A 134 0.78 4.80 11.28
C ILE A 134 -0.68 4.38 11.06
N GLN A 135 -1.03 4.11 9.81
CA GLN A 135 -2.40 3.71 9.51
C GLN A 135 -2.84 2.36 10.08
N VAL A 136 -2.00 1.33 9.95
CA VAL A 136 -2.37 0.02 10.51
C VAL A 136 -2.51 0.12 12.04
N GLU A 137 -1.54 0.79 12.68
CA GLU A 137 -1.58 0.97 14.14
C GLU A 137 -2.83 1.80 14.61
N ALA A 138 -3.22 2.81 13.85
CA ALA A 138 -4.39 3.54 14.24
C ALA A 138 -5.56 2.59 14.22
N ASP A 139 -5.60 1.76 13.20
CA ASP A 139 -6.69 0.82 13.09
C ASP A 139 -6.64 -0.19 14.22
N LEU A 140 -5.43 -0.57 14.61
CA LEU A 140 -5.36 -1.52 15.73
C LEU A 140 -5.74 -0.86 17.11
N TYR A 141 -5.34 0.40 17.30
CA TYR A 141 -5.75 1.12 18.52
C TYR A 141 -7.30 1.17 18.58
N ALA A 142 -7.98 1.42 17.46
CA ALA A 142 -9.46 1.47 17.48
C ALA A 142 -10.05 0.14 17.77
N GLN A 143 -9.39 -0.86 17.19
CA GLN A 143 -9.92 -2.19 17.33
C GLN A 143 -9.89 -2.58 18.78
N ALA A 144 -8.97 -1.98 19.56
CA ALA A 144 -8.91 -2.32 20.99
C ALA A 144 -10.10 -1.73 21.78
N VAL A 145 -10.72 -0.65 21.33
CA VAL A 145 -11.86 -0.02 22.04
C VAL A 145 -13.21 -0.43 21.43
N GLU A 146 -13.18 -1.35 20.46
CA GLU A 146 -14.35 -1.90 19.77
C GLU A 146 -13.92 -2.52 18.46
N LEU B 2 2.15 4.61 -9.82
CA LEU B 2 1.19 5.50 -10.48
C LEU B 2 1.71 6.92 -10.60
N ASP B 3 1.71 7.44 -11.82
CA ASP B 3 2.10 8.83 -12.03
C ASP B 3 0.95 9.80 -11.65
N GLN B 4 1.29 11.05 -11.37
CA GLN B 4 0.25 11.97 -10.94
C GLN B 4 -0.87 12.22 -11.94
N GLN B 5 -0.56 12.35 -13.24
CA GLN B 5 -1.72 12.54 -14.13
C GLN B 5 -2.72 11.41 -14.00
N THR B 6 -2.15 10.24 -13.67
CA THR B 6 -2.98 9.06 -13.53
C THR B 6 -3.82 9.30 -12.29
N ILE B 7 -3.14 9.60 -11.20
CA ILE B 7 -3.91 9.82 -9.99
C ILE B 7 -4.89 10.95 -10.17
N ASN B 8 -4.49 11.96 -10.91
CA ASN B 8 -5.40 13.06 -11.10
C ASN B 8 -6.62 12.59 -11.82
N ILE B 9 -6.45 11.77 -12.86
CA ILE B 9 -7.65 11.32 -13.57
C ILE B 9 -8.56 10.52 -12.63
N ILE B 10 -7.90 9.72 -11.80
CA ILE B 10 -8.70 8.83 -10.96
C ILE B 10 -9.52 9.71 -10.02
N LYS B 11 -8.83 10.61 -9.33
CA LYS B 11 -9.45 11.48 -8.33
C LYS B 11 -10.60 12.32 -8.90
N ALA B 12 -10.41 12.79 -10.11
CA ALA B 12 -11.42 13.57 -10.77
C ALA B 12 -12.58 12.83 -11.29
N THR B 13 -12.39 11.60 -11.80
CA THR B 13 -13.51 10.86 -12.43
C THR B 13 -14.35 9.87 -11.58
N VAL B 14 -13.72 9.44 -10.49
CA VAL B 14 -14.39 8.48 -9.63
C VAL B 14 -15.78 8.95 -9.28
N PRO B 15 -15.91 10.22 -8.90
CA PRO B 15 -17.24 10.72 -8.55
C PRO B 15 -18.16 10.59 -9.77
N VAL B 16 -17.65 10.74 -10.99
CA VAL B 16 -18.60 10.56 -12.09
C VAL B 16 -19.01 9.08 -12.18
N LEU B 17 -18.04 8.20 -11.97
CA LEU B 17 -18.39 6.79 -12.07
C LEU B 17 -19.42 6.40 -10.94
N LYS B 18 -19.16 6.84 -9.71
CA LYS B 18 -20.07 6.56 -8.60
C LYS B 18 -21.47 7.04 -8.93
N GLU B 19 -21.53 8.13 -9.68
CA GLU B 19 -22.83 8.67 -10.02
C GLU B 19 -23.54 7.63 -10.83
N HIS B 20 -22.80 6.97 -11.72
CA HIS B 20 -23.47 5.96 -12.54
C HIS B 20 -23.34 4.53 -12.01
N GLY B 21 -23.05 4.43 -10.72
CA GLY B 21 -22.87 3.11 -10.12
C GLY B 21 -23.81 1.97 -10.57
N VAL B 22 -25.12 2.20 -10.55
CA VAL B 22 -26.05 1.11 -10.82
C VAL B 22 -25.75 0.53 -12.19
N THR B 23 -25.35 1.45 -13.04
CA THR B 23 -25.11 1.00 -14.39
C THR B 23 -23.82 0.23 -14.53
N ILE B 24 -22.74 0.78 -13.97
CA ILE B 24 -21.49 0.06 -14.05
C ILE B 24 -21.61 -1.29 -13.39
N THR B 25 -22.22 -1.34 -12.19
CA THR B 25 -22.38 -2.61 -11.45
C THR B 25 -23.13 -3.67 -12.26
N THR B 26 -24.28 -3.30 -12.86
CA THR B 26 -25.12 -4.28 -13.58
C THR B 26 -24.49 -4.76 -14.89
N THR B 27 -23.89 -3.82 -15.59
CA THR B 27 -23.19 -4.13 -16.81
C THR B 27 -21.99 -5.04 -16.51
N PHE B 28 -21.23 -4.67 -15.48
CA PHE B 28 -20.12 -5.54 -15.08
C PHE B 28 -20.48 -7.00 -14.84
N TYR B 29 -21.44 -7.25 -13.95
CA TYR B 29 -21.80 -8.62 -13.60
C TYR B 29 -22.41 -9.35 -14.78
N LYS B 30 -23.19 -8.60 -15.56
CA LYS B 30 -23.79 -9.24 -16.72
C LYS B 30 -22.69 -9.74 -17.67
N ASN B 31 -21.76 -8.87 -18.01
CA ASN B 31 -20.74 -9.29 -18.94
C ASN B 31 -19.78 -10.30 -18.32
N LEU B 32 -19.47 -10.15 -17.05
CA LEU B 32 -18.56 -11.08 -16.41
C LEU B 32 -19.09 -12.47 -16.56
N PHE B 33 -20.34 -12.68 -16.16
CA PHE B 33 -20.90 -14.02 -16.20
C PHE B 33 -21.20 -14.56 -17.61
N ALA B 34 -21.56 -13.69 -18.53
CA ALA B 34 -21.83 -14.18 -19.85
C ALA B 34 -20.51 -14.54 -20.53
N LYS B 35 -19.51 -13.67 -20.47
CA LYS B 35 -18.23 -13.94 -21.09
C LYS B 35 -17.29 -14.96 -20.41
N HIS B 36 -17.49 -15.24 -19.12
CA HIS B 36 -16.60 -16.11 -18.41
C HIS B 36 -17.40 -17.06 -17.56
N PRO B 37 -18.19 -17.92 -18.19
CA PRO B 37 -19.06 -18.83 -17.42
C PRO B 37 -18.22 -19.68 -16.46
N GLU B 38 -16.93 -19.83 -16.73
CA GLU B 38 -16.13 -20.68 -15.83
C GLU B 38 -16.05 -20.13 -14.41
N VAL B 39 -16.36 -18.85 -14.20
CA VAL B 39 -16.24 -18.39 -12.84
C VAL B 39 -17.58 -18.47 -12.16
N ARG B 40 -18.63 -18.70 -12.93
CA ARG B 40 -19.91 -18.81 -12.28
C ARG B 40 -20.02 -19.68 -11.02
N PRO B 41 -19.45 -20.87 -11.03
CA PRO B 41 -19.55 -21.72 -9.84
C PRO B 41 -19.00 -21.05 -8.56
N LEU B 42 -18.05 -20.14 -8.68
CA LEU B 42 -17.39 -19.67 -7.46
C LEU B 42 -18.39 -18.83 -6.68
N PHE B 43 -19.36 -18.28 -7.39
CA PHE B 43 -20.30 -17.45 -6.61
C PHE B 43 -21.51 -18.27 -6.15
N LEU B 51 -32.99 -14.22 -5.58
CA LEU B 51 -32.64 -12.80 -5.43
C LEU B 51 -31.21 -12.54 -4.95
N GLU B 52 -30.50 -13.54 -4.40
CA GLU B 52 -29.13 -13.29 -3.96
C GLU B 52 -28.06 -13.35 -5.07
N GLN B 53 -27.87 -12.20 -5.70
CA GLN B 53 -26.86 -11.97 -6.74
C GLN B 53 -25.73 -11.09 -6.15
N PRO B 54 -24.46 -11.23 -6.55
CA PRO B 54 -23.40 -10.42 -5.91
C PRO B 54 -23.59 -9.02 -6.45
N LYS B 55 -23.16 -7.99 -5.72
CA LYS B 55 -23.33 -6.58 -6.17
C LYS B 55 -22.17 -5.69 -5.81
N ALA B 56 -21.31 -6.19 -4.93
CA ALA B 56 -20.36 -5.24 -4.40
C ALA B 56 -19.04 -4.87 -5.05
N LEU B 57 -18.62 -5.63 -6.07
CA LEU B 57 -17.35 -5.44 -6.78
C LEU B 57 -16.97 -4.09 -7.32
N ALA B 58 -17.79 -3.64 -8.26
CA ALA B 58 -17.49 -2.37 -8.93
C ALA B 58 -17.48 -1.20 -7.93
N MET B 59 -18.40 -1.16 -6.98
CA MET B 59 -18.40 -0.01 -6.07
C MET B 59 -17.23 -0.05 -5.13
N THR B 60 -16.81 -1.27 -4.78
CA THR B 60 -15.65 -1.44 -3.89
C THR B 60 -14.37 -0.97 -4.57
N VAL B 61 -14.25 -1.26 -5.86
CA VAL B 61 -13.09 -0.79 -6.61
C VAL B 61 -13.14 0.72 -6.65
N LEU B 62 -14.32 1.27 -6.78
CA LEU B 62 -14.41 2.75 -6.84
C LEU B 62 -13.94 3.35 -5.52
N ALA B 63 -14.37 2.69 -4.45
CA ALA B 63 -14.07 3.17 -3.14
C ALA B 63 -12.56 3.11 -2.90
N ALA B 64 -11.91 2.04 -3.37
CA ALA B 64 -10.48 1.88 -3.15
C ALA B 64 -9.79 2.97 -3.96
N ALA B 65 -10.36 3.22 -5.14
CA ALA B 65 -9.75 4.17 -6.08
C ALA B 65 -9.77 5.54 -5.48
N GLN B 66 -10.87 5.79 -4.80
CA GLN B 66 -11.06 7.06 -4.15
C GLN B 66 -9.90 7.20 -3.16
N ASN B 67 -9.49 6.08 -2.58
CA ASN B 67 -8.35 6.03 -1.63
C ASN B 67 -7.00 5.67 -2.19
N ILE B 68 -6.86 5.86 -3.50
CA ILE B 68 -5.70 5.39 -4.20
C ILE B 68 -4.36 5.85 -3.63
N GLU B 69 -4.37 7.01 -2.98
CA GLU B 69 -3.15 7.59 -2.47
C GLU B 69 -2.82 7.05 -1.08
N ASN B 70 -3.75 6.32 -0.50
CA ASN B 70 -3.49 5.85 0.87
C ASN B 70 -4.29 4.56 1.03
N LEU B 71 -3.88 3.56 0.24
CA LEU B 71 -4.53 2.25 0.32
C LEU B 71 -4.48 1.55 1.67
N PRO B 72 -3.43 1.82 2.47
CA PRO B 72 -3.44 1.21 3.77
C PRO B 72 -4.67 1.61 4.60
N ALA B 73 -5.32 2.74 4.31
CA ALA B 73 -6.56 3.15 5.00
C ALA B 73 -7.72 2.15 4.84
N ILE B 74 -7.69 1.44 3.73
CA ILE B 74 -8.78 0.50 3.53
C ILE B 74 -8.39 -0.96 3.81
N LEU B 75 -7.23 -1.18 4.43
CA LEU B 75 -6.91 -2.55 4.83
C LEU B 75 -7.88 -3.33 5.66
N PRO B 76 -8.59 -2.73 6.63
CA PRO B 76 -9.53 -3.54 7.40
C PRO B 76 -10.60 -4.15 6.51
N ALA B 77 -10.98 -3.37 5.49
CA ALA B 77 -11.96 -3.93 4.53
C ALA B 77 -11.25 -4.98 3.66
N VAL B 78 -10.15 -4.59 3.04
CA VAL B 78 -9.40 -5.53 2.18
C VAL B 78 -9.14 -6.82 2.91
N LYS B 79 -8.73 -6.76 4.16
CA LYS B 79 -8.49 -8.00 4.86
C LYS B 79 -9.67 -8.92 4.96
N LYS B 80 -10.87 -8.42 5.24
CA LYS B 80 -12.01 -9.31 5.37
C LYS B 80 -12.51 -9.84 4.00
N ILE B 81 -12.41 -8.98 2.99
CA ILE B 81 -12.80 -9.42 1.65
C ILE B 81 -11.85 -10.60 1.24
N ALA B 82 -10.58 -10.46 1.57
CA ALA B 82 -9.52 -11.48 1.30
C ALA B 82 -9.92 -12.82 1.88
N VAL B 83 -10.49 -12.79 3.08
CA VAL B 83 -10.90 -14.00 3.73
C VAL B 83 -12.00 -14.66 2.91
N LYS B 84 -12.93 -13.86 2.43
CA LYS B 84 -13.98 -14.54 1.63
C LYS B 84 -13.44 -15.01 0.27
N HIS B 85 -12.54 -14.27 -0.35
CA HIS B 85 -12.00 -14.64 -1.65
C HIS B 85 -11.21 -15.98 -1.48
N CYS B 86 -10.40 -16.09 -0.43
CA CYS B 86 -9.62 -17.35 -0.22
C CYS B 86 -10.56 -18.47 0.10
N GLN B 87 -11.66 -18.20 0.79
CA GLN B 87 -12.67 -19.24 1.00
C GLN B 87 -13.37 -19.73 -0.29
N ALA B 88 -13.55 -18.81 -1.23
CA ALA B 88 -14.27 -19.12 -2.47
C ALA B 88 -13.40 -19.72 -3.54
N GLY B 89 -12.07 -19.61 -3.42
CA GLY B 89 -11.20 -20.16 -4.48
C GLY B 89 -10.73 -19.16 -5.53
N VAL B 90 -10.74 -17.88 -5.16
CA VAL B 90 -10.27 -16.82 -6.06
C VAL B 90 -8.75 -16.90 -6.33
N ALA B 91 -8.36 -16.79 -7.60
CA ALA B 91 -6.95 -16.93 -7.97
C ALA B 91 -6.43 -15.65 -8.60
N ALA B 92 -5.10 -15.48 -8.56
CA ALA B 92 -4.45 -14.30 -9.13
C ALA B 92 -4.82 -14.10 -10.57
N ALA B 93 -4.95 -15.21 -11.30
CA ALA B 93 -5.22 -15.12 -12.73
C ALA B 93 -6.66 -14.67 -12.94
N HIS B 94 -7.52 -14.73 -11.93
CA HIS B 94 -8.93 -14.19 -12.09
C HIS B 94 -8.95 -12.65 -12.18
N TYR B 95 -8.00 -11.99 -11.52
CA TYR B 95 -7.96 -10.56 -11.51
C TYR B 95 -8.00 -9.85 -12.86
N PRO B 96 -7.21 -10.30 -13.85
CA PRO B 96 -7.22 -9.59 -15.15
C PRO B 96 -8.58 -9.71 -15.83
N ILE B 97 -9.25 -10.82 -15.54
CA ILE B 97 -10.53 -11.00 -16.18
C ILE B 97 -11.53 -10.01 -15.58
N VAL B 98 -11.55 -9.92 -14.26
CA VAL B 98 -12.49 -8.99 -13.63
C VAL B 98 -12.12 -7.56 -14.08
N GLY B 99 -10.83 -7.28 -14.16
CA GLY B 99 -10.39 -5.97 -14.62
C GLY B 99 -10.91 -5.63 -16.02
N GLN B 100 -10.84 -6.60 -16.91
CA GLN B 100 -11.32 -6.34 -18.27
C GLN B 100 -12.80 -6.00 -18.30
N GLU B 101 -13.61 -6.77 -17.58
CA GLU B 101 -15.02 -6.53 -17.67
C GLU B 101 -15.34 -5.22 -16.90
N LEU B 102 -14.58 -4.89 -15.87
CA LEU B 102 -14.86 -3.63 -15.18
C LEU B 102 -14.57 -2.47 -16.14
N LEU B 103 -13.38 -2.48 -16.74
CA LEU B 103 -13.03 -1.41 -17.69
C LEU B 103 -14.05 -1.30 -18.81
N GLY B 104 -14.54 -2.43 -19.30
CA GLY B 104 -15.53 -2.36 -20.38
C GLY B 104 -16.77 -1.58 -19.91
N ALA B 105 -17.22 -1.85 -18.67
CA ALA B 105 -18.36 -1.13 -18.07
C ALA B 105 -18.09 0.38 -17.89
N ILE B 106 -16.91 0.73 -17.36
CA ILE B 106 -16.48 2.13 -17.16
C ILE B 106 -16.54 2.83 -18.51
N LYS B 107 -16.19 2.06 -19.55
CA LYS B 107 -16.13 2.52 -20.94
C LYS B 107 -17.49 2.83 -21.45
N GLU B 108 -18.42 1.88 -21.28
CA GLU B 108 -19.80 2.15 -21.69
C GLU B 108 -20.39 3.37 -20.94
N VAL B 109 -20.17 3.43 -19.65
CA VAL B 109 -20.68 4.59 -18.95
C VAL B 109 -20.04 5.93 -19.30
N LEU B 110 -18.75 5.97 -19.51
CA LEU B 110 -18.24 7.30 -19.70
C LEU B 110 -18.68 7.83 -21.05
N GLY B 111 -19.03 6.90 -21.92
CA GLY B 111 -19.45 7.30 -23.24
C GLY B 111 -18.37 8.16 -23.92
N ASP B 112 -18.77 9.34 -24.40
CA ASP B 112 -17.85 10.24 -25.10
C ASP B 112 -16.71 10.83 -24.30
N ALA B 113 -16.80 10.64 -22.98
CA ALA B 113 -15.82 11.14 -22.02
C ALA B 113 -14.73 10.07 -21.89
N ALA B 114 -15.03 8.91 -22.46
CA ALA B 114 -14.20 7.73 -22.35
C ALA B 114 -12.86 7.78 -23.05
N THR B 115 -12.10 8.83 -22.77
CA THR B 115 -10.77 8.93 -23.35
C THR B 115 -9.84 7.75 -23.06
N ASP B 116 -9.00 7.47 -24.05
CA ASP B 116 -8.07 6.38 -23.94
C ASP B 116 -7.18 6.71 -22.76
N ASP B 117 -6.79 7.97 -22.59
CA ASP B 117 -5.94 8.26 -21.42
C ASP B 117 -6.68 7.99 -20.12
N ILE B 118 -7.97 8.24 -20.15
CA ILE B 118 -8.79 8.04 -18.96
C ILE B 118 -8.91 6.54 -18.71
N LEU B 119 -9.30 5.83 -19.78
CA LEU B 119 -9.45 4.38 -19.73
C LEU B 119 -8.11 3.79 -19.32
N ASP B 120 -7.04 4.33 -19.87
CA ASP B 120 -5.76 3.80 -19.49
C ASP B 120 -5.46 4.09 -18.03
N ALA B 121 -5.86 5.25 -17.52
CA ALA B 121 -5.57 5.48 -16.10
C ALA B 121 -6.40 4.50 -15.25
N TRP B 122 -7.61 4.17 -15.69
CA TRP B 122 -8.43 3.25 -14.90
C TRP B 122 -7.81 1.84 -14.90
N GLY B 123 -7.24 1.47 -16.04
CA GLY B 123 -6.60 0.16 -16.11
C GLY B 123 -5.49 0.12 -15.07
N LYS B 124 -4.71 1.19 -15.04
CA LYS B 124 -3.59 1.22 -14.12
C LYS B 124 -4.02 1.19 -12.67
N ALA B 125 -5.09 1.91 -12.37
CA ALA B 125 -5.56 1.96 -11.01
C ALA B 125 -6.06 0.58 -10.56
N TYR B 126 -6.82 -0.06 -11.43
CA TYR B 126 -7.40 -1.33 -11.03
C TYR B 126 -6.23 -2.28 -10.70
N GLY B 127 -5.22 -2.25 -11.56
CA GLY B 127 -4.03 -3.10 -11.38
C GLY B 127 -3.43 -2.95 -9.98
N VAL B 128 -3.16 -1.69 -9.65
CA VAL B 128 -2.61 -1.41 -8.34
C VAL B 128 -3.51 -1.92 -7.24
N ILE B 129 -4.80 -1.73 -7.42
CA ILE B 129 -5.68 -2.18 -6.37
C ILE B 129 -5.67 -3.73 -6.34
N ALA B 130 -5.76 -4.31 -7.52
CA ALA B 130 -5.83 -5.75 -7.60
C ALA B 130 -4.54 -6.30 -6.95
N ASP B 131 -3.41 -5.63 -7.20
CA ASP B 131 -2.11 -6.08 -6.62
C ASP B 131 -2.15 -6.25 -5.11
N VAL B 132 -2.90 -5.38 -4.43
CA VAL B 132 -3.06 -5.51 -2.97
C VAL B 132 -3.87 -6.74 -2.57
N PHE B 133 -5.00 -6.98 -3.23
CA PHE B 133 -5.75 -8.14 -2.81
C PHE B 133 -4.97 -9.44 -3.14
N ILE B 134 -4.35 -9.44 -4.33
CA ILE B 134 -3.58 -10.62 -4.77
C ILE B 134 -2.47 -11.02 -3.75
N GLN B 135 -1.70 -10.04 -3.28
CA GLN B 135 -0.67 -10.33 -2.28
C GLN B 135 -1.24 -10.69 -0.92
N VAL B 136 -2.27 -9.98 -0.47
CA VAL B 136 -2.83 -10.35 0.83
C VAL B 136 -3.39 -11.78 0.82
N GLU B 137 -4.10 -12.14 -0.25
CA GLU B 137 -4.69 -13.50 -0.37
C GLU B 137 -3.61 -14.60 -0.53
N ALA B 138 -2.53 -14.27 -1.23
CA ALA B 138 -1.42 -15.23 -1.39
C ALA B 138 -0.92 -15.55 0.01
N ASP B 139 -0.70 -14.50 0.80
CA ASP B 139 -0.31 -14.64 2.19
C ASP B 139 -1.32 -15.41 3.02
N LEU B 140 -2.61 -15.15 2.83
CA LEU B 140 -3.56 -15.95 3.60
C LEU B 140 -3.59 -17.46 3.18
N TYR B 141 -3.47 -17.71 1.87
CA TYR B 141 -3.45 -19.09 1.36
C TYR B 141 -2.24 -19.82 2.02
N ALA B 142 -1.08 -19.15 2.08
CA ALA B 142 0.10 -19.74 2.74
C ALA B 142 -0.12 -19.96 4.23
N GLN B 143 -0.79 -19.02 4.89
CA GLN B 143 -1.01 -19.26 6.28
C GLN B 143 -1.86 -20.45 6.48
N ALA B 144 -2.77 -20.75 5.57
CA ALA B 144 -3.68 -21.89 5.80
C ALA B 144 -2.93 -23.23 5.92
N VAL B 145 -1.73 -23.32 5.34
CA VAL B 145 -0.95 -24.57 5.37
C VAL B 145 0.25 -24.51 6.31
S SCN C . 12.96 3.06 16.78
C SCN C . 12.17 2.05 16.46
N SCN C . 11.46 1.15 16.24
CHA HEM D . 9.82 -2.38 17.94
CHB HEM D . 10.39 -1.35 13.26
CHC HEM D . 8.85 3.20 14.08
CHD HEM D . 9.36 2.36 18.81
C1A HEM D . 10.15 -2.50 16.60
C2A HEM D . 10.56 -3.74 15.92
C3A HEM D . 10.72 -3.45 14.62
C4A HEM D . 10.40 -2.04 14.46
CMA HEM D . 11.13 -4.46 13.51
CAA HEM D . 10.76 -5.08 16.65
CBA HEM D . 9.56 -6.02 16.71
CGA HEM D . 9.71 -7.36 17.38
O1A HEM D . 10.74 -8.00 16.94
O2A HEM D . 8.71 -7.76 18.07
C1B HEM D . 9.92 -0.08 13.11
C2B HEM D . 9.90 0.55 11.82
C3B HEM D . 9.46 1.81 12.05
C4B HEM D . 9.29 2.02 13.47
CMB HEM D . 10.27 -0.16 10.49
CAB HEM D . 9.30 2.97 11.04
CBB HEM D . 8.59 2.78 9.93
C1C HEM D . 8.91 3.43 15.44
C2C HEM D . 8.61 4.66 16.14
C3C HEM D . 8.85 4.41 17.44
C4C HEM D . 9.19 3.03 17.62
CMC HEM D . 8.16 5.93 15.39
CAC HEM D . 8.66 5.31 18.68
CBC HEM D . 9.73 5.80 19.32
C1D HEM D . 9.39 0.98 18.98
C2D HEM D . 9.41 0.32 20.27
C3D HEM D . 9.45 -0.98 20.00
C4D HEM D . 9.66 -1.17 18.57
CMD HEM D . 9.23 1.03 21.65
CAD HEM D . 9.46 -2.16 20.98
CBD HEM D . 10.82 -2.33 21.71
CGD HEM D . 10.88 -3.36 22.80
O1D HEM D . 10.37 -4.49 22.56
O2D HEM D . 11.41 -2.99 23.87
NA HEM D . 10.07 -1.49 15.68
NB HEM D . 9.56 0.83 14.12
NC HEM D . 9.16 2.44 16.35
ND HEM D . 9.58 0.05 17.94
FE HEM D . 9.53 0.44 16.01
S SCN E . -16.40 -10.19 -9.05
C SCN E . -16.05 -10.01 -7.80
N SCN E . -15.73 -9.89 -6.70
CHA HEM F . -16.79 -11.33 -2.81
CHB HEM F . -14.60 -7.14 -3.90
CHC HEM F . -11.85 -9.40 -7.17
CHD HEM F . -14.86 -13.21 -6.83
C1A HEM F . -16.43 -9.99 -2.83
C2A HEM F . -16.97 -8.96 -1.92
C3A HEM F . -16.36 -7.79 -2.20
C4A HEM F . -15.42 -8.06 -3.29
CMA HEM F . -16.50 -6.39 -1.53
CAA HEM F . -18.01 -9.40 -0.87
CBA HEM F . -17.55 -9.58 0.58
CGA HEM F . -18.57 -9.81 1.67
O1A HEM F . -19.37 -8.81 1.85
O2A HEM F . -18.35 -10.82 2.43
C1B HEM F . -13.59 -7.43 -4.79
C2B HEM F . -12.69 -6.44 -5.31
C3B HEM F . -11.94 -7.06 -6.24
C4B HEM F . -12.39 -8.44 -6.33
CMB HEM F . -12.61 -4.95 -4.90
CAB HEM F . -10.77 -6.48 -7.07
CBB HEM F . -9.86 -5.69 -6.49
C1C HEM F . -12.45 -10.62 -7.44
C2C HEM F . -12.00 -11.59 -8.43
C3C HEM F . -12.88 -12.61 -8.34
C4C HEM F . -13.85 -12.38 -7.27
CMC HEM F . -10.75 -11.40 -9.33
CAC HEM F . -12.87 -13.90 -9.16
CBC HEM F . -13.96 -14.38 -9.74
C1D HEM F . -15.55 -13.11 -5.63
C2D HEM F . -16.39 -14.12 -5.03
C3D HEM F . -16.85 -13.62 -3.89
C4D HEM F . -16.42 -12.23 -3.80
CMD HEM F . -16.57 -15.57 -5.61
CAD HEM F . -17.83 -14.26 -2.87
CBD HEM F . -19.19 -14.35 -3.60
CGD HEM F . -20.46 -15.01 -3.15
O1D HEM F . -21.50 -14.43 -3.58
O2D HEM F . -20.40 -16.11 -2.53
NA HEM F . -15.51 -9.40 -3.65
NB HEM F . -13.39 -8.68 -5.41
NC HEM F . -13.49 -11.15 -6.73
ND HEM F . -15.57 -11.93 -4.85
FE HEM F . -14.47 -10.32 -5.12
#